data_6T7O
#
_entry.id   6T7O
#
_cell.length_a   45.855
_cell.length_b   45.855
_cell.length_c   117.644
_cell.angle_alpha   90.000
_cell.angle_beta   90.000
_cell.angle_gamma   90.000
#
_symmetry.space_group_name_H-M   'P 41 21 2'
#
loop_
_entity.id
_entity.type
_entity.pdbx_description
1 polymer 'Ribosome hibernation promotion factor'
2 water water
#
_entity_poly.entity_id   1
_entity_poly.type   'polypeptide(L)'
_entity_poly.pdbx_seq_one_letter_code
;MIEIIRSKEFSLKPMDSEEAVLQMNLLGHDFFVFTDRETDGTSIVYRRKDGKYGLIQTSEQHHHHHH
;
_entity_poly.pdbx_strand_id   A,B
#
# COMPACT_ATOMS: atom_id res chain seq x y z
N MET A 1 11.63 4.80 -19.04
CA MET A 1 11.72 5.38 -17.71
C MET A 1 10.54 4.96 -16.86
N ILE A 2 10.68 5.13 -15.55
CA ILE A 2 9.59 4.91 -14.62
C ILE A 2 8.78 6.19 -14.56
N GLU A 3 7.50 6.10 -14.95
CA GLU A 3 6.58 7.22 -14.96
C GLU A 3 5.63 7.06 -13.79
N ILE A 4 5.68 8.00 -12.86
CA ILE A 4 4.96 7.88 -11.61
C ILE A 4 3.91 8.98 -11.55
N ILE A 5 2.67 8.59 -11.30
CA ILE A 5 1.50 9.48 -11.30
C ILE A 5 0.91 9.48 -9.92
N ARG A 6 0.91 10.64 -9.27
CA ARG A 6 0.39 10.69 -7.93
C ARG A 6 -1.12 10.45 -7.95
N SER A 7 -1.59 9.66 -6.98
CA SER A 7 -3.02 9.52 -6.75
C SER A 7 -3.34 9.68 -5.27
N LYS A 8 -4.59 9.95 -5.00
CA LYS A 8 -5.04 10.18 -3.64
C LYS A 8 -5.45 8.92 -2.93
N GLU A 9 -5.30 8.94 -1.62
CA GLU A 9 -5.86 7.92 -0.77
C GLU A 9 -7.37 7.87 -1.00
N PHE A 10 -7.94 6.68 -0.96
CA PHE A 10 -9.36 6.56 -1.28
C PHE A 10 -10.22 7.37 -0.33
N SER A 11 -9.98 7.24 0.96
CA SER A 11 -10.73 7.98 1.94
C SER A 11 -9.77 8.41 3.03
N LEU A 12 -9.99 9.58 3.59
CA LEU A 12 -9.22 9.99 4.74
C LEU A 12 -9.90 9.62 6.04
N LYS A 13 -11.09 9.05 5.97
CA LYS A 13 -11.81 8.66 7.18
C LYS A 13 -11.08 7.49 7.82
N PRO A 14 -10.67 7.57 9.09
CA PRO A 14 -10.05 6.41 9.73
C PRO A 14 -11.01 5.24 9.76
N MET A 15 -10.43 4.04 9.62
CA MET A 15 -11.24 2.84 9.68
C MET A 15 -10.40 1.71 10.26
N ASP A 16 -11.09 0.65 10.64
CA ASP A 16 -10.41 -0.53 11.15
C ASP A 16 -9.95 -1.40 9.97
N SER A 17 -8.95 -2.25 10.23
CA SER A 17 -8.43 -3.09 9.16
CA SER A 17 -8.44 -3.03 9.12
C SER A 17 -9.50 -3.97 8.54
N GLU A 18 -10.44 -4.47 9.36
CA GLU A 18 -11.47 -5.33 8.77
C GLU A 18 -12.40 -4.52 7.86
N GLU A 19 -12.55 -3.23 8.15
CA GLU A 19 -13.33 -2.38 7.26
C GLU A 19 -12.55 -2.06 6.00
N ALA A 20 -11.22 -1.94 6.10
CA ALA A 20 -10.42 -1.76 4.89
C ALA A 20 -10.49 -2.96 3.99
N VAL A 21 -10.53 -4.18 4.57
CA VAL A 21 -10.71 -5.38 3.78
C VAL A 21 -12.04 -5.32 3.02
N LEU A 22 -13.11 -4.92 3.72
CA LEU A 22 -14.39 -4.78 3.02
C LEU A 22 -14.29 -3.77 1.88
N GLN A 23 -13.61 -2.64 2.12
CA GLN A 23 -13.42 -1.66 1.05
C GLN A 23 -12.67 -2.27 -0.10
N MET A 24 -11.54 -2.92 0.21
CA MET A 24 -10.74 -3.52 -0.85
C MET A 24 -11.56 -4.48 -1.69
N ASN A 25 -12.39 -5.29 -1.05
CA ASN A 25 -13.20 -6.25 -1.78
C ASN A 25 -14.30 -5.56 -2.57
N LEU A 26 -14.85 -4.49 -2.01
CA LEU A 26 -15.91 -3.77 -2.70
C LEU A 26 -15.37 -3.14 -3.97
N LEU A 27 -14.14 -2.63 -3.90
CA LEU A 27 -13.47 -1.97 -4.99
C LEU A 27 -12.80 -2.96 -5.93
N GLY A 28 -12.67 -4.22 -5.50
CA GLY A 28 -12.11 -5.24 -6.36
C GLY A 28 -10.63 -5.10 -6.59
N HIS A 29 -9.91 -4.53 -5.63
CA HIS A 29 -8.47 -4.35 -5.73
C HIS A 29 -7.76 -5.38 -4.89
N ASP A 30 -6.44 -5.46 -5.04
N ASP A 30 -6.44 -5.45 -5.07
CA ASP A 30 -5.66 -6.40 -4.26
CA ASP A 30 -5.59 -6.38 -4.33
C ASP A 30 -4.80 -5.72 -3.20
C ASP A 30 -4.87 -5.73 -3.14
N PHE A 31 -4.96 -4.41 -3.00
CA PHE A 31 -4.43 -3.72 -1.84
C PHE A 31 -5.33 -2.53 -1.58
N PHE A 32 -5.26 -2.03 -0.35
CA PHE A 32 -6.07 -0.84 -0.05
C PHE A 32 -5.38 -0.06 1.05
N VAL A 33 -5.19 1.24 0.79
CA VAL A 33 -4.49 2.13 1.71
C VAL A 33 -5.53 2.88 2.52
N PHE A 34 -5.29 3.00 3.82
CA PHE A 34 -6.26 3.66 4.70
C PHE A 34 -5.57 4.22 5.91
N THR A 35 -6.26 5.16 6.57
CA THR A 35 -5.83 5.63 7.87
C THR A 35 -6.42 4.69 8.91
N ASP A 36 -5.55 4.10 9.72
CA ASP A 36 -5.92 3.03 10.62
C ASP A 36 -6.46 3.63 11.90
N ARG A 37 -7.69 3.27 12.27
CA ARG A 37 -8.27 3.78 13.50
C ARG A 37 -7.48 3.35 14.73
N GLU A 38 -6.81 2.20 14.66
CA GLU A 38 -6.07 1.68 15.81
C GLU A 38 -4.83 2.51 16.09
N THR A 39 -4.20 3.07 15.06
CA THR A 39 -2.90 3.69 15.21
C THR A 39 -2.87 5.16 14.86
N ASP A 40 -3.89 5.68 14.16
CA ASP A 40 -3.89 6.99 13.52
C ASP A 40 -2.82 7.13 12.45
N GLY A 41 -2.23 6.02 12.02
CA GLY A 41 -1.25 6.01 10.97
C GLY A 41 -1.77 5.34 9.70
N THR A 42 -0.92 5.33 8.70
CA THR A 42 -1.27 4.73 7.42
C THR A 42 -1.08 3.23 7.46
N SER A 43 -2.10 2.50 7.12
CA SER A 43 -2.05 1.06 6.99
C SER A 43 -2.45 0.63 5.59
N ILE A 44 -2.06 -0.59 5.23
CA ILE A 44 -2.35 -1.13 3.93
C ILE A 44 -2.78 -2.56 4.13
N VAL A 45 -4.00 -2.90 3.71
CA VAL A 45 -4.37 -4.31 3.63
C VAL A 45 -4.14 -4.78 2.22
N TYR A 46 -3.93 -6.09 2.08
CA TYR A 46 -3.70 -6.64 0.76
C TYR A 46 -4.18 -8.08 0.70
N ARG A 47 -4.44 -8.51 -0.52
CA ARG A 47 -4.97 -9.83 -0.79
C ARG A 47 -3.83 -10.82 -0.90
N ARG A 48 -3.88 -11.88 -0.09
CA ARG A 48 -2.92 -12.98 -0.25
C ARG A 48 -3.51 -14.02 -1.21
N LYS A 49 -2.62 -14.81 -1.83
N LYS A 49 -2.61 -14.80 -1.83
CA LYS A 49 -3.11 -15.84 -2.74
CA LYS A 49 -3.05 -15.86 -2.72
C LYS A 49 -3.78 -17.00 -2.02
C LYS A 49 -3.92 -16.88 -1.99
N ASP A 50 -3.66 -17.09 -0.70
CA ASP A 50 -4.31 -18.13 0.08
C ASP A 50 -5.64 -17.72 0.65
N GLY A 51 -6.20 -16.59 0.21
CA GLY A 51 -7.49 -16.16 0.67
C GLY A 51 -7.45 -15.39 1.97
N LYS A 52 -6.32 -15.33 2.63
CA LYS A 52 -6.21 -14.48 3.81
C LYS A 52 -5.80 -13.07 3.37
N TYR A 53 -5.76 -12.16 4.31
CA TYR A 53 -5.44 -10.78 4.04
C TYR A 53 -4.21 -10.40 4.83
N GLY A 54 -3.35 -9.62 4.20
CA GLY A 54 -2.21 -9.08 4.88
C GLY A 54 -2.46 -7.68 5.34
N LEU A 55 -1.74 -7.26 6.37
CA LEU A 55 -1.86 -5.90 6.89
C LEU A 55 -0.49 -5.34 7.17
N ILE A 56 -0.17 -4.19 6.58
CA ILE A 56 1.06 -3.48 6.89
C ILE A 56 0.63 -2.27 7.67
N GLN A 57 0.97 -2.19 8.96
CA GLN A 57 0.66 -1.06 9.80
C GLN A 57 1.90 -0.20 9.95
N THR A 58 1.85 1.01 9.45
CA THR A 58 2.98 1.91 9.59
C THR A 58 2.64 2.98 10.62
N SER A 59 3.68 3.58 11.19
CA SER A 59 3.47 4.72 12.09
C SER A 59 4.71 5.59 12.15
N MET B 1 -14.70 -15.36 7.90
CA MET B 1 -14.37 -15.11 6.51
C MET B 1 -13.15 -14.20 6.36
N ILE B 2 -12.85 -13.33 7.34
CA ILE B 2 -11.77 -12.35 7.20
C ILE B 2 -10.67 -12.71 8.20
N GLU B 3 -9.50 -13.11 7.69
CA GLU B 3 -8.31 -13.36 8.51
C GLU B 3 -7.23 -12.40 8.04
N ILE B 4 -6.80 -11.52 8.95
CA ILE B 4 -5.83 -10.46 8.67
C ILE B 4 -4.57 -10.80 9.42
N ILE B 5 -3.48 -10.90 8.67
CA ILE B 5 -2.17 -11.29 9.19
C ILE B 5 -1.22 -10.15 8.99
N ARG B 6 -0.69 -9.59 10.06
CA ARG B 6 0.24 -8.48 9.87
C ARG B 6 1.55 -8.93 9.23
N SER B 7 2.06 -8.09 8.36
CA SER B 7 3.43 -8.22 7.86
C SER B 7 4.14 -6.88 7.94
N LYS B 8 5.44 -6.92 7.74
CA LYS B 8 6.26 -5.75 7.97
C LYS B 8 6.62 -5.11 6.65
N GLU B 9 6.87 -3.83 6.73
CA GLU B 9 7.36 -3.07 5.62
C GLU B 9 8.71 -3.69 5.26
N PHE B 10 9.02 -3.74 3.98
CA PHE B 10 10.28 -4.33 3.52
C PHE B 10 11.45 -3.61 4.16
N SER B 11 11.47 -2.30 4.07
CA SER B 11 12.53 -1.48 4.63
C SER B 11 11.94 -0.27 5.29
N LEU B 12 12.47 0.13 6.44
CA LEU B 12 12.09 1.40 7.02
C LEU B 12 12.97 2.55 6.54
N LYS B 13 14.05 2.25 5.83
CA LYS B 13 14.89 3.33 5.38
C LYS B 13 14.13 4.11 4.34
N PRO B 14 14.15 5.43 4.42
CA PRO B 14 13.43 6.21 3.43
C PRO B 14 14.05 6.04 2.07
N MET B 15 13.17 5.93 1.09
CA MET B 15 13.57 5.80 -0.29
C MET B 15 12.66 6.66 -1.12
N ASP B 16 13.12 7.00 -2.32
CA ASP B 16 12.25 7.78 -3.19
C ASP B 16 11.37 6.84 -4.00
N SER B 17 10.40 7.41 -4.69
CA SER B 17 9.37 6.58 -5.32
C SER B 17 9.96 5.74 -6.45
N GLU B 18 10.95 6.22 -7.16
N GLU B 18 10.98 6.25 -7.15
CA GLU B 18 11.55 5.49 -8.26
CA GLU B 18 11.57 5.49 -8.26
C GLU B 18 12.26 4.24 -7.76
C GLU B 18 12.27 4.22 -7.78
N GLU B 19 12.95 4.31 -6.65
N GLU B 19 12.96 4.30 -6.68
CA GLU B 19 13.56 3.14 -5.96
CA GLU B 19 13.58 3.17 -5.96
C GLU B 19 12.49 2.23 -5.37
C GLU B 19 12.50 2.26 -5.35
N ALA B 20 11.37 2.79 -4.92
CA ALA B 20 10.29 1.90 -4.51
C ALA B 20 9.74 1.11 -5.70
N VAL B 21 9.60 1.74 -6.86
CA VAL B 21 9.15 1.01 -8.04
C VAL B 21 10.14 -0.09 -8.39
N LEU B 22 11.45 0.22 -8.33
CA LEU B 22 12.41 -0.82 -8.61
C LEU B 22 12.28 -1.98 -7.63
N GLN B 23 12.07 -1.69 -6.35
CA GLN B 23 11.87 -2.76 -5.38
C GLN B 23 10.63 -3.55 -5.69
N MET B 24 9.55 -2.85 -6.01
CA MET B 24 8.31 -3.54 -6.36
C MET B 24 8.53 -4.46 -7.56
N ASN B 25 9.25 -3.98 -8.57
CA ASN B 25 9.47 -4.72 -9.78
C ASN B 25 10.35 -5.94 -9.54
N LEU B 26 11.28 -5.84 -8.59
CA LEU B 26 12.15 -6.98 -8.32
C LEU B 26 11.35 -8.08 -7.62
N LEU B 27 10.42 -7.70 -6.75
CA LEU B 27 9.50 -8.63 -6.10
C LEU B 27 8.44 -9.22 -7.02
N GLY B 28 8.15 -8.58 -8.13
CA GLY B 28 7.04 -9.02 -8.95
C GLY B 28 5.70 -8.65 -8.38
N HIS B 29 5.65 -7.64 -7.51
CA HIS B 29 4.42 -7.23 -6.84
C HIS B 29 3.77 -6.11 -7.63
N ASP B 30 2.53 -5.86 -7.29
CA ASP B 30 1.84 -4.75 -7.94
CA ASP B 30 1.77 -4.77 -7.91
C ASP B 30 1.64 -3.56 -7.01
N PHE B 31 2.15 -3.62 -5.78
CA PHE B 31 2.20 -2.46 -4.91
C PHE B 31 3.42 -2.63 -4.03
N PHE B 32 3.88 -1.52 -3.47
CA PHE B 32 5.01 -1.59 -2.55
C PHE B 32 4.91 -0.45 -1.55
N VAL B 33 5.01 -0.78 -0.27
CA VAL B 33 4.89 0.18 0.82
C VAL B 33 6.28 0.61 1.24
N PHE B 34 6.49 1.92 1.38
CA PHE B 34 7.82 2.41 1.79
C PHE B 34 7.69 3.71 2.54
N THR B 35 8.74 4.09 3.24
CA THR B 35 8.83 5.39 3.86
C THR B 35 9.44 6.32 2.83
N ASP B 36 8.72 7.40 2.56
CA ASP B 36 9.06 8.27 1.45
C ASP B 36 10.13 9.26 1.85
N ARG B 37 11.20 9.32 1.06
CA ARG B 37 12.26 10.29 1.33
C ARG B 37 11.78 11.71 1.12
N GLU B 38 10.76 11.92 0.30
CA GLU B 38 10.23 13.27 0.14
C GLU B 38 9.59 13.76 1.43
N THR B 39 8.80 12.92 2.08
CA THR B 39 7.88 13.37 3.11
C THR B 39 8.18 12.79 4.47
N ASP B 40 8.98 11.74 4.54
CA ASP B 40 9.16 10.90 5.71
C ASP B 40 7.85 10.28 6.16
N GLY B 41 6.83 10.27 5.29
CA GLY B 41 5.61 9.57 5.56
C GLY B 41 5.55 8.26 4.82
N THR B 42 4.45 7.54 5.03
CA THR B 42 4.25 6.28 4.35
C THR B 42 3.69 6.51 2.97
N SER B 43 4.35 5.94 1.99
CA SER B 43 3.91 6.03 0.61
C SER B 43 3.76 4.64 0.02
N ILE B 44 2.98 4.57 -1.04
CA ILE B 44 2.73 3.31 -1.70
C ILE B 44 2.81 3.54 -3.19
N VAL B 45 3.69 2.81 -3.86
CA VAL B 45 3.67 2.80 -5.30
C VAL B 45 2.92 1.56 -5.76
N TYR B 46 2.35 1.63 -6.96
CA TYR B 46 1.61 0.48 -7.46
C TYR B 46 1.61 0.52 -8.97
N ARG B 47 1.40 -0.67 -9.54
CA ARG B 47 1.37 -0.82 -10.99
C ARG B 47 -0.02 -0.47 -11.48
N ARG B 48 -0.10 0.54 -12.34
CA ARG B 48 -1.33 0.80 -13.06
C ARG B 48 -1.47 -0.13 -14.24
N LYS B 49 -2.71 -0.25 -14.74
CA LYS B 49 -2.96 -1.11 -15.89
C LYS B 49 -2.19 -0.64 -17.12
N ASP B 50 -2.00 0.67 -17.25
CA ASP B 50 -1.31 1.18 -18.43
C ASP B 50 0.19 1.06 -18.34
N GLY B 51 0.72 0.36 -17.33
CA GLY B 51 2.14 0.19 -17.16
C GLY B 51 2.82 1.40 -16.56
N LYS B 52 2.09 2.47 -16.32
CA LYS B 52 2.66 3.52 -15.52
C LYS B 52 2.54 3.12 -14.05
N TYR B 53 3.07 3.93 -13.17
CA TYR B 53 3.05 3.61 -11.75
C TYR B 53 2.30 4.68 -11.01
N GLY B 54 1.45 4.26 -10.06
CA GLY B 54 0.81 5.20 -9.19
C GLY B 54 1.59 5.42 -7.93
N LEU B 55 1.37 6.56 -7.30
CA LEU B 55 2.04 6.89 -6.04
C LEU B 55 1.02 7.50 -5.10
N ILE B 56 0.77 6.86 -3.97
CA ILE B 56 -0.07 7.41 -2.93
C ILE B 56 0.87 7.87 -1.84
N GLN B 57 0.98 9.17 -1.62
CA GLN B 57 1.80 9.71 -0.55
C GLN B 57 0.90 10.12 0.59
N THR B 58 1.01 9.44 1.73
CA THR B 58 0.21 9.79 2.89
C THR B 58 1.03 10.65 3.84
N SER B 59 0.35 11.44 4.67
CA SER B 59 1.06 12.40 5.51
C SER B 59 1.78 11.72 6.65
#